data_4KOM
#
_entry.id   4KOM
#
_cell.length_a   117.060
_cell.length_b   117.060
_cell.length_c   296.429
_cell.angle_alpha   90.00
_cell.angle_beta   90.00
_cell.angle_gamma   120.00
#
_symmetry.space_group_name_H-M   'H 3 2'
#
loop_
_entity.id
_entity.type
_entity.pdbx_description
1 polymer 'Hemagglutinin HA1'
2 polymer 'Hemagglutinin HA2'
3 branched 'N-acetyl-alpha-neuraminic acid-(2-3)-beta-D-galactopyranose-(1-4)-2-acetamido-2-deoxy-beta-D-glucopyranose-(1-3)-beta-D-galactopyranose'
4 non-polymer 2-acetamido-2-deoxy-beta-D-glucopyranose
5 water water
#
loop_
_entity_poly.entity_id
_entity_poly.type
_entity_poly.pdbx_seq_one_letter_code
_entity_poly.pdbx_strand_id
1 'polypeptide(L)'
;ICLGHHAVSNGTKVNTLTERGVEVVNATETVERTNIPRICSKGKRTVDLGQCGLLGTITGPPQCDQFLEFSADLIIERRE
GSDVCYPGKFVNEEALRQILRESGGIDKEAMGFTYSGIRTNGATSACRRSGSSFYAEMKWLLSNTDNAAFPQMTKSYKNT
RKSPALIVWGIHHSVSTAEQTKLYGSGNKLVTVGSSNYQQSFVPSPGARPQVNGLSGRIDFHWLMLNPNDTVTFSFNGAF
IAPDRASFLRGKSMGIQSGVQVDANCEGDCYHSGGTIISNLPFQNIDSRAVGKCPRYVKQRSLLLATGMKNVPE
;
A
2 'polypeptide(L)'
;GLFGAIAGFIENGWEGLIDGWYGFRHQNAQGEGTAADYKSTQSAIDQITGKLNRLIEKTNQQFELIDNEFNEVEKQIGNV
INWTRDSITEVWSYNAELLVAMENQHTIDLADSEMDKLYERVKRQLRENAEEDGTGCFEIFHKCDDDCMASIRNNTYDHS
KYREEAMQN
;
B
#
loop_
_chem_comp.id
_chem_comp.type
_chem_comp.name
_chem_comp.formula
GAL D-saccharide, beta linking beta-D-galactopyranose 'C6 H12 O6'
NAG D-saccharide, beta linking 2-acetamido-2-deoxy-beta-D-glucopyranose 'C8 H15 N O6'
SIA D-saccharide, alpha linking 'N-acetyl-alpha-neuraminic acid' 'C11 H19 N O9'
#
# COMPACT_ATOMS: atom_id res chain seq x y z
N ILE A 1 -17.35 -53.45 2.85
CA ILE A 1 -16.96 -52.26 2.11
C ILE A 1 -16.16 -51.28 2.98
N CYS A 2 -15.00 -50.86 2.48
CA CYS A 2 -14.15 -49.94 3.23
C CYS A 2 -14.08 -48.57 2.57
N LEU A 3 -14.18 -47.53 3.39
CA LEU A 3 -14.09 -46.16 2.89
C LEU A 3 -12.87 -45.45 3.47
N GLY A 4 -12.48 -44.35 2.84
CA GLY A 4 -11.32 -43.59 3.27
C GLY A 4 -11.24 -42.24 2.60
N HIS A 5 -10.03 -41.69 2.55
CA HIS A 5 -9.80 -40.37 1.96
C HIS A 5 -8.62 -40.42 1.00
N HIS A 6 -8.37 -39.31 0.31
CA HIS A 6 -7.27 -39.26 -0.65
C HIS A 6 -5.96 -38.85 0.02
N ALA A 7 -4.85 -39.11 -0.66
CA ALA A 7 -3.53 -38.79 -0.14
C ALA A 7 -2.56 -38.60 -1.29
N VAL A 8 -1.41 -37.99 -1.00
CA VAL A 8 -0.38 -37.79 -2.02
C VAL A 8 0.99 -38.21 -1.50
N SER A 9 1.94 -38.38 -2.43
CA SER A 9 3.29 -38.78 -2.08
C SER A 9 4.01 -37.63 -1.39
N ASN A 10 3.86 -36.42 -1.93
CA ASN A 10 4.54 -35.25 -1.41
C ASN A 10 3.55 -34.14 -1.03
N GLY A 11 3.35 -33.95 0.27
CA GLY A 11 2.44 -32.94 0.76
C GLY A 11 3.14 -31.62 1.07
N THR A 12 2.43 -30.72 1.75
CA THR A 12 3.01 -29.43 2.13
C THR A 12 2.91 -29.21 3.64
N LYS A 13 4.05 -28.98 4.27
CA LYS A 13 4.08 -28.69 5.70
C LYS A 13 3.45 -27.32 5.98
N VAL A 14 2.54 -27.28 6.93
CA VAL A 14 1.98 -26.01 7.41
C VAL A 14 2.00 -25.98 8.94
N ASN A 15 1.59 -24.85 9.50
CA ASN A 15 1.57 -24.69 10.95
C ASN A 15 0.14 -24.59 11.49
N THR A 16 -0.07 -25.12 12.68
CA THR A 16 -1.38 -25.10 13.31
C THR A 16 -1.24 -24.54 14.72
N LEU A 17 -2.36 -24.51 15.45
CA LEU A 17 -2.34 -24.06 16.83
C LEU A 17 -1.49 -24.98 17.70
N THR A 18 -1.37 -26.23 17.29
CA THR A 18 -0.73 -27.24 18.12
C THR A 18 0.51 -27.89 17.49
N GLU A 19 0.63 -27.84 16.17
CA GLU A 19 1.77 -28.47 15.51
C GLU A 19 2.50 -27.51 14.57
N ARG A 20 3.80 -27.70 14.46
CA ARG A 20 4.60 -26.97 13.49
C ARG A 20 5.21 -27.94 12.49
N GLY A 21 4.83 -27.79 11.22
CA GLY A 21 5.35 -28.64 10.17
C GLY A 21 4.48 -29.84 9.85
N VAL A 22 3.18 -29.73 10.14
CA VAL A 22 2.24 -30.78 9.80
C VAL A 22 1.91 -30.74 8.31
N GLU A 23 2.03 -31.90 7.65
CA GLU A 23 1.82 -31.99 6.22
C GLU A 23 0.35 -32.11 5.85
N VAL A 24 -0.10 -31.25 4.94
CA VAL A 24 -1.46 -31.31 4.41
C VAL A 24 -1.41 -31.62 2.93
N VAL A 25 -2.56 -31.98 2.36
CA VAL A 25 -2.61 -32.37 0.96
C VAL A 25 -2.28 -31.20 0.04
N ASN A 26 -2.87 -30.05 0.32
CA ASN A 26 -2.65 -28.86 -0.49
C ASN A 26 -2.65 -27.59 0.36
N ALA A 27 -1.82 -26.63 -0.01
CA ALA A 27 -1.75 -25.36 0.69
C ALA A 27 -1.58 -24.20 -0.28
N THR A 28 -1.75 -22.98 0.21
CA THR A 28 -1.58 -21.80 -0.63
C THR A 28 -0.93 -20.65 0.15
N GLU A 29 -0.11 -19.85 -0.54
CA GLU A 29 0.63 -18.77 0.10
C GLU A 29 -0.30 -17.63 0.51
N THR A 30 0.07 -16.94 1.58
CA THR A 30 -0.75 -15.88 2.14
C THR A 30 0.02 -14.55 2.19
N VAL A 31 1.34 -14.62 2.06
CA VAL A 31 2.19 -13.45 2.11
C VAL A 31 2.84 -13.16 0.76
N GLU A 32 2.59 -11.96 0.23
CA GLU A 32 3.10 -11.57 -1.08
C GLU A 32 4.59 -11.24 -1.04
N ARG A 33 5.35 -11.83 -1.96
CA ARG A 33 6.78 -11.57 -2.06
C ARG A 33 7.16 -11.11 -3.46
N THR A 34 6.22 -11.21 -4.39
CA THR A 34 6.50 -10.88 -5.78
C THR A 34 6.24 -9.40 -6.04
N ASN A 35 7.31 -8.69 -6.36
CA ASN A 35 7.21 -7.28 -6.73
C ASN A 35 7.36 -7.12 -8.23
N ILE A 36 6.64 -6.18 -8.80
CA ILE A 36 6.91 -5.80 -10.18
C ILE A 36 7.67 -4.48 -10.16
N PRO A 37 8.87 -4.47 -10.77
CA PRO A 37 9.82 -3.35 -10.66
C PRO A 37 9.51 -2.19 -11.59
N ARG A 38 8.23 -1.82 -11.69
CA ARG A 38 7.79 -0.68 -12.48
C ARG A 38 6.60 -0.02 -11.79
N ILE A 39 6.40 1.27 -12.06
CA ILE A 39 5.22 1.95 -11.54
C ILE A 39 4.03 1.69 -12.46
N CYS A 40 3.20 0.72 -12.07
CA CYS A 40 2.02 0.36 -12.84
C CYS A 40 0.97 1.46 -12.79
N SER A 41 0.77 2.11 -13.93
CA SER A 41 -0.01 3.34 -13.97
C SER A 41 -1.09 3.34 -15.05
N LYS A 42 -1.47 2.14 -15.49
CA LYS A 42 -2.52 2.01 -16.51
C LYS A 42 -3.79 2.74 -16.11
N GLY A 43 -4.30 3.58 -17.01
CA GLY A 43 -5.54 4.29 -16.78
C GLY A 43 -5.49 5.44 -15.78
N LYS A 44 -4.30 5.80 -15.31
CA LYS A 44 -4.16 6.89 -14.36
C LYS A 44 -3.43 8.09 -14.96
N ARG A 45 -3.95 9.29 -14.72
CA ARG A 45 -3.27 10.51 -15.15
C ARG A 45 -2.02 10.67 -14.30
N THR A 46 -0.87 10.38 -14.90
CA THR A 46 0.38 10.32 -14.17
C THR A 46 1.31 11.48 -14.52
N VAL A 47 1.95 12.03 -13.50
CA VAL A 47 2.98 13.05 -13.70
C VAL A 47 4.30 12.60 -13.07
N ASP A 48 5.28 12.33 -13.92
CA ASP A 48 6.62 12.01 -13.45
C ASP A 48 7.40 13.32 -13.38
N LEU A 49 7.64 13.79 -12.15
CA LEU A 49 8.29 15.08 -11.93
C LEU A 49 9.72 15.13 -12.45
N GLY A 50 10.38 13.97 -12.54
CA GLY A 50 11.74 13.91 -13.04
C GLY A 50 12.72 14.78 -12.27
N GLN A 51 13.25 15.80 -12.93
CA GLN A 51 14.22 16.70 -12.33
C GLN A 51 13.56 17.83 -11.57
N CYS A 52 12.27 18.02 -11.80
CA CYS A 52 11.52 19.03 -11.07
C CYS A 52 11.13 18.52 -9.68
N GLY A 53 11.56 19.23 -8.64
CA GLY A 53 11.15 18.90 -7.30
C GLY A 53 9.71 19.33 -7.09
N LEU A 54 8.98 18.61 -6.23
CA LEU A 54 7.57 18.90 -6.01
C LEU A 54 7.31 20.33 -5.55
N LEU A 55 8.09 20.81 -4.59
CA LEU A 55 7.92 22.17 -4.09
C LEU A 55 8.27 23.19 -5.18
N GLY A 56 9.15 22.78 -6.10
CA GLY A 56 9.54 23.61 -7.22
C GLY A 56 8.39 23.98 -8.13
N THR A 57 7.34 23.15 -8.14
CA THR A 57 6.19 23.42 -9.00
C THR A 57 5.44 24.68 -8.56
N ILE A 58 5.64 25.07 -7.31
CA ILE A 58 4.96 26.25 -6.76
C ILE A 58 5.74 27.54 -7.02
N THR A 59 7.07 27.45 -6.97
CA THR A 59 7.92 28.64 -7.10
C THR A 59 8.42 28.85 -8.54
N GLY A 60 8.73 27.75 -9.21
CA GLY A 60 9.10 27.80 -10.62
C GLY A 60 10.56 27.97 -10.98
N PRO A 61 11.44 27.06 -10.51
CA PRO A 61 12.77 27.05 -11.11
C PRO A 61 12.69 26.43 -12.50
N PRO A 62 13.70 26.68 -13.36
CA PRO A 62 13.68 26.23 -14.76
C PRO A 62 13.29 24.75 -14.96
N GLN A 63 13.68 23.88 -14.04
CA GLN A 63 13.34 22.45 -14.14
C GLN A 63 11.83 22.22 -14.04
N CYS A 64 11.10 23.20 -13.51
CA CYS A 64 9.67 23.05 -13.27
C CYS A 64 8.81 23.91 -14.19
N ASP A 65 9.40 24.40 -15.28
CA ASP A 65 8.66 25.25 -16.22
C ASP A 65 7.50 24.50 -16.86
N GLN A 66 7.66 23.19 -17.04
CA GLN A 66 6.64 22.37 -17.67
C GLN A 66 5.67 21.78 -16.65
N PHE A 67 5.79 22.18 -15.40
CA PHE A 67 4.98 21.60 -14.33
C PHE A 67 4.30 22.66 -13.48
N LEU A 68 4.24 23.89 -13.97
CA LEU A 68 3.70 24.99 -13.19
C LEU A 68 2.20 24.86 -12.90
N GLU A 69 1.50 24.08 -13.71
CA GLU A 69 0.07 23.88 -13.54
C GLU A 69 -0.35 22.43 -13.79
N PHE A 70 0.41 21.50 -13.25
CA PHE A 70 0.17 20.08 -13.53
C PHE A 70 -1.15 19.57 -12.98
N SER A 71 -1.60 18.44 -13.51
CA SER A 71 -2.88 17.86 -13.16
C SER A 71 -2.73 16.36 -13.17
N ALA A 72 -2.99 15.70 -12.04
CA ALA A 72 -2.69 14.28 -11.91
C ALA A 72 -3.55 13.48 -10.93
N ASP A 73 -3.56 12.16 -11.12
CA ASP A 73 -4.09 11.23 -10.14
C ASP A 73 -2.92 10.64 -9.39
N LEU A 74 -1.77 10.59 -10.07
CA LEU A 74 -0.57 9.94 -9.53
C LEU A 74 0.68 10.79 -9.76
N ILE A 75 1.30 11.22 -8.68
CA ILE A 75 2.50 12.06 -8.76
C ILE A 75 3.73 11.28 -8.33
N ILE A 76 4.76 11.29 -9.17
CA ILE A 76 5.99 10.58 -8.88
C ILE A 76 7.16 11.55 -8.66
N GLU A 77 7.74 11.51 -7.47
CA GLU A 77 8.95 12.27 -7.17
C GLU A 77 10.17 11.44 -7.51
N ARG A 78 11.22 12.11 -7.97
CA ARG A 78 12.45 11.40 -8.33
C ARG A 78 13.60 11.93 -7.50
N ARG A 79 14.58 11.07 -7.25
CA ARG A 79 15.74 11.46 -6.46
C ARG A 79 16.49 12.62 -7.09
N GLU A 80 16.53 12.66 -8.43
CA GLU A 80 17.24 13.71 -9.13
C GLU A 80 16.52 15.05 -9.11
N GLY A 81 15.32 15.07 -8.53
CA GLY A 81 14.50 16.27 -8.50
C GLY A 81 15.00 17.32 -7.52
N SER A 82 14.90 18.58 -7.92
CA SER A 82 15.28 19.69 -7.05
C SER A 82 14.19 20.75 -7.03
N ASP A 83 13.90 21.27 -5.84
CA ASP A 83 12.89 22.32 -5.67
C ASP A 83 13.48 23.71 -5.95
N VAL A 84 14.79 23.75 -6.17
CA VAL A 84 15.52 25.00 -6.07
C VAL A 84 16.44 25.24 -7.27
N CYS A 85 16.64 26.50 -7.62
CA CYS A 85 17.69 26.89 -8.55
C CYS A 85 18.70 27.75 -7.80
N TYR A 86 18.22 28.86 -7.25
CA TYR A 86 19.02 29.64 -6.31
C TYR A 86 18.94 28.90 -4.99
N PRO A 87 20.10 28.57 -4.39
CA PRO A 87 20.19 27.76 -3.17
C PRO A 87 19.28 28.25 -2.05
N GLY A 88 18.50 27.34 -1.47
CA GLY A 88 17.59 27.68 -0.41
C GLY A 88 16.73 26.50 -0.05
N LYS A 89 15.81 26.68 0.90
CA LYS A 89 14.92 25.61 1.30
C LYS A 89 13.61 26.14 1.85
N PHE A 90 12.65 25.23 2.00
CA PHE A 90 11.33 25.59 2.51
C PHE A 90 11.22 25.34 4.01
N VAL A 91 10.70 26.32 4.73
CA VAL A 91 10.31 26.12 6.12
C VAL A 91 9.02 25.30 6.11
N ASN A 92 8.97 24.25 6.94
CA ASN A 92 7.85 23.31 6.95
C ASN A 92 7.69 22.63 5.60
N GLU A 93 8.79 22.12 5.07
CA GLU A 93 8.83 21.60 3.71
C GLU A 93 8.05 20.30 3.51
N GLU A 94 8.09 19.42 4.51
CA GLU A 94 7.49 18.11 4.35
C GLU A 94 5.96 18.16 4.45
N ALA A 95 5.46 19.08 5.25
CA ALA A 95 4.02 19.30 5.35
C ALA A 95 3.50 19.70 3.98
N LEU A 96 4.20 20.64 3.35
CA LEU A 96 3.83 21.13 2.03
C LEU A 96 3.88 20.03 0.97
N ARG A 97 4.85 19.14 1.08
CA ARG A 97 4.93 18.02 0.15
C ARG A 97 3.71 17.11 0.26
N GLN A 98 3.36 16.75 1.49
CA GLN A 98 2.23 15.86 1.73
C GLN A 98 0.93 16.50 1.23
N ILE A 99 0.85 17.82 1.35
CA ILE A 99 -0.29 18.56 0.82
C ILE A 99 -0.33 18.44 -0.70
N LEU A 100 0.82 18.66 -1.33
CA LEU A 100 0.91 18.67 -2.78
C LEU A 100 0.80 17.27 -3.39
N ARG A 101 1.20 16.25 -2.65
CA ARG A 101 1.10 14.87 -3.14
C ARG A 101 -0.35 14.43 -3.36
N GLU A 102 -1.26 14.96 -2.55
CA GLU A 102 -2.66 14.60 -2.66
C GLU A 102 -3.52 15.72 -3.26
N SER A 103 -2.86 16.73 -3.84
CA SER A 103 -3.54 17.92 -4.33
C SER A 103 -4.31 17.70 -5.63
N GLY A 104 -3.95 16.65 -6.37
CA GLY A 104 -4.52 16.43 -7.69
C GLY A 104 -3.91 17.38 -8.70
N GLY A 105 -2.86 18.07 -8.28
CA GLY A 105 -2.24 19.08 -9.13
C GLY A 105 -2.63 20.48 -8.70
N ILE A 106 -2.04 21.48 -9.33
CA ILE A 106 -2.25 22.87 -8.94
C ILE A 106 -2.74 23.74 -10.09
N ASP A 107 -3.44 24.80 -9.72
CA ASP A 107 -3.94 25.79 -10.65
C ASP A 107 -3.43 27.16 -10.19
N LYS A 108 -2.72 27.85 -11.08
CA LYS A 108 -2.10 29.13 -10.70
C LYS A 108 -3.02 30.32 -10.98
N GLU A 109 -2.82 31.41 -10.24
CA GLU A 109 -3.58 32.64 -10.45
C GLU A 109 -2.79 33.87 -10.05
N ALA A 110 -2.74 34.84 -10.95
CA ALA A 110 -2.05 36.11 -10.70
C ALA A 110 -2.61 36.82 -9.48
N MET A 111 -1.73 37.32 -8.62
CA MET A 111 -2.14 38.02 -7.42
C MET A 111 -2.22 39.53 -7.64
N GLY A 112 -1.76 39.98 -8.80
CA GLY A 112 -1.94 41.36 -9.23
C GLY A 112 -1.10 42.41 -8.52
N PHE A 113 -0.04 41.97 -7.83
CA PHE A 113 0.87 42.90 -7.17
C PHE A 113 1.60 43.79 -8.18
N THR A 114 1.43 45.11 -8.03
CA THR A 114 2.16 46.08 -8.84
C THR A 114 3.12 46.85 -7.94
N TYR A 115 4.14 47.47 -8.55
CA TYR A 115 5.17 48.12 -7.76
C TYR A 115 5.57 49.50 -8.28
N SER A 116 6.06 50.34 -7.36
CA SER A 116 6.52 51.67 -7.71
C SER A 116 7.62 52.12 -6.74
N GLY A 117 8.78 52.45 -7.29
CA GLY A 117 9.89 52.93 -6.49
C GLY A 117 10.92 51.86 -6.18
N ILE A 118 10.81 50.72 -6.87
CA ILE A 118 11.78 49.64 -6.72
C ILE A 118 12.03 48.95 -8.05
N ARG A 119 12.88 47.92 -8.02
CA ARG A 119 13.08 47.05 -9.17
C ARG A 119 12.29 45.76 -8.96
N THR A 120 12.28 44.91 -9.97
CA THR A 120 11.45 43.70 -9.90
C THR A 120 11.96 42.59 -10.81
N ASN A 121 13.08 42.84 -11.49
CA ASN A 121 13.63 41.89 -12.45
C ASN A 121 14.94 41.26 -12.00
N GLY A 122 15.09 41.08 -10.69
CA GLY A 122 16.29 40.46 -10.14
C GLY A 122 16.49 39.04 -10.65
N ALA A 123 17.70 38.75 -11.10
CA ALA A 123 18.01 37.44 -11.67
C ALA A 123 19.33 36.86 -11.15
N THR A 124 19.71 35.71 -11.67
CA THR A 124 20.91 35.01 -11.25
C THR A 124 21.35 34.00 -12.29
N SER A 125 22.62 33.61 -12.26
CA SER A 125 23.13 32.60 -13.18
C SER A 125 22.78 31.18 -12.72
N ALA A 126 22.22 31.07 -11.51
CA ALA A 126 21.77 29.78 -10.99
C ALA A 126 20.45 29.37 -11.62
N CYS A 127 19.75 30.33 -12.20
CA CYS A 127 18.48 30.07 -12.87
C CYS A 127 18.62 30.35 -14.36
N ARG A 128 19.07 29.35 -15.09
CA ARG A 128 19.36 29.50 -16.52
C ARG A 128 18.14 29.32 -17.41
N ARG A 129 17.84 30.33 -18.21
CA ARG A 129 16.85 30.20 -19.28
C ARG A 129 17.46 30.76 -20.57
N SER A 130 16.98 31.93 -21.00
CA SER A 130 17.62 32.64 -22.10
C SER A 130 19.03 32.96 -21.65
N GLY A 131 19.14 33.52 -20.46
CA GLY A 131 20.40 33.75 -19.80
C GLY A 131 20.20 33.60 -18.31
N SER A 132 20.55 34.63 -17.56
CA SER A 132 20.29 34.65 -16.12
C SER A 132 18.82 35.00 -15.86
N SER A 133 18.13 34.11 -15.15
CA SER A 133 16.71 34.29 -14.88
C SER A 133 16.41 34.13 -13.40
N PHE A 134 15.16 33.78 -13.08
CA PHE A 134 14.75 33.62 -11.68
C PHE A 134 13.59 32.63 -11.58
N TYR A 135 13.03 32.47 -10.38
CA TYR A 135 11.85 31.64 -10.19
C TYR A 135 10.66 32.23 -10.93
N ALA A 136 10.09 31.45 -11.85
CA ALA A 136 9.05 31.93 -12.75
C ALA A 136 7.80 32.48 -12.05
N GLU A 137 7.50 31.97 -10.86
CA GLU A 137 6.30 32.38 -10.15
C GLU A 137 6.62 33.44 -9.10
N MET A 138 7.89 33.81 -9.01
CA MET A 138 8.34 34.76 -8.00
C MET A 138 8.96 35.98 -8.67
N LYS A 139 9.12 37.04 -7.88
CA LYS A 139 9.79 38.24 -8.35
C LYS A 139 10.83 38.70 -7.33
N TRP A 140 12.05 38.94 -7.82
CA TRP A 140 13.13 39.38 -6.95
C TRP A 140 13.17 40.90 -6.88
N LEU A 141 12.67 41.45 -5.77
CA LEU A 141 12.56 42.89 -5.60
C LEU A 141 13.79 43.51 -4.95
N LEU A 142 14.42 44.46 -5.65
CA LEU A 142 15.57 45.17 -5.12
C LEU A 142 15.25 46.64 -4.89
N SER A 143 16.29 47.44 -4.73
CA SER A 143 16.14 48.90 -4.76
C SER A 143 16.48 49.37 -6.17
N ASN A 144 15.94 50.53 -6.55
CA ASN A 144 16.08 51.06 -7.91
C ASN A 144 17.50 51.09 -8.44
N THR A 145 18.41 51.65 -7.66
CA THR A 145 19.79 51.81 -8.12
C THR A 145 20.69 50.81 -7.43
N ASP A 146 21.96 50.79 -7.83
CA ASP A 146 22.93 49.85 -7.30
C ASP A 146 23.08 49.92 -5.77
N ASN A 147 22.43 50.92 -5.18
CA ASN A 147 22.34 51.01 -3.73
C ASN A 147 20.95 51.51 -3.34
N ALA A 148 20.87 52.72 -2.79
CA ALA A 148 19.58 53.34 -2.43
C ALA A 148 18.80 52.58 -1.37
N ALA A 149 17.61 53.10 -1.05
CA ALA A 149 16.79 52.53 0.02
C ALA A 149 15.60 51.79 -0.54
N PHE A 150 14.94 51.02 0.32
CA PHE A 150 13.77 50.25 -0.05
C PHE A 150 12.57 50.76 0.73
N PRO A 151 11.58 51.34 0.01
CA PRO A 151 10.38 51.93 0.63
C PRO A 151 9.58 50.90 1.41
N GLN A 152 9.19 51.24 2.63
CA GLN A 152 8.33 50.37 3.43
C GLN A 152 7.01 50.14 2.70
N MET A 153 6.93 49.01 2.01
CA MET A 153 5.77 48.71 1.17
C MET A 153 4.77 47.81 1.87
N THR A 154 3.53 47.83 1.37
CA THR A 154 2.48 46.99 1.91
C THR A 154 1.63 46.42 0.78
N LYS A 155 1.66 45.10 0.63
CA LYS A 155 0.87 44.44 -0.42
C LYS A 155 -0.12 43.48 0.20
N SER A 156 -1.35 43.49 -0.31
CA SER A 156 -2.37 42.57 0.16
C SER A 156 -3.00 41.81 -1.00
N TYR A 157 -3.38 40.56 -0.72
CA TYR A 157 -4.08 39.74 -1.70
C TYR A 157 -5.26 39.04 -1.03
N LYS A 158 -6.45 39.24 -1.59
CA LYS A 158 -7.63 38.56 -1.08
C LYS A 158 -7.98 37.34 -1.92
N ASN A 159 -8.12 36.19 -1.26
CA ASN A 159 -8.54 34.98 -1.94
C ASN A 159 -10.01 35.09 -2.36
N THR A 160 -10.23 35.20 -3.67
CA THR A 160 -11.57 35.42 -4.20
C THR A 160 -12.25 34.12 -4.60
N ARG A 161 -11.63 32.99 -4.27
CA ARG A 161 -12.14 31.70 -4.70
C ARG A 161 -12.65 30.85 -3.54
N LYS A 162 -13.41 29.81 -3.87
CA LYS A 162 -14.06 28.98 -2.86
C LYS A 162 -13.10 27.95 -2.27
N SER A 163 -11.85 27.99 -2.73
CA SER A 163 -10.83 27.05 -2.28
C SER A 163 -9.69 27.81 -1.59
N PRO A 164 -9.01 27.17 -0.64
CA PRO A 164 -7.87 27.79 0.04
C PRO A 164 -6.71 28.09 -0.91
N ALA A 165 -6.14 29.29 -0.79
CA ALA A 165 -5.05 29.71 -1.66
C ALA A 165 -3.67 29.44 -1.03
N LEU A 166 -2.86 28.63 -1.72
CA LEU A 166 -1.49 28.41 -1.30
C LEU A 166 -0.62 29.61 -1.64
N ILE A 167 -0.21 30.35 -0.62
CA ILE A 167 0.64 31.52 -0.80
C ILE A 167 2.07 31.17 -0.41
N VAL A 168 3.03 31.66 -1.18
CA VAL A 168 4.43 31.36 -0.92
C VAL A 168 5.29 32.59 -1.14
N TRP A 169 6.26 32.83 -0.26
CA TRP A 169 7.18 33.96 -0.43
C TRP A 169 8.58 33.59 0.01
N GLY A 170 9.52 34.50 -0.21
CA GLY A 170 10.91 34.21 0.09
C GLY A 170 11.67 35.33 0.78
N ILE A 171 12.52 34.95 1.72
CA ILE A 171 13.43 35.88 2.37
C ILE A 171 14.82 35.64 1.83
N HIS A 172 15.45 36.70 1.31
CA HIS A 172 16.79 36.56 0.75
C HIS A 172 17.88 36.88 1.77
N HIS A 173 18.78 35.93 1.97
CA HIS A 173 19.90 36.11 2.88
C HIS A 173 21.18 36.33 2.09
N SER A 174 21.68 37.57 2.11
CA SER A 174 22.85 37.94 1.35
C SER A 174 24.13 37.33 1.92
N VAL A 175 25.19 37.32 1.11
CA VAL A 175 26.49 36.81 1.55
C VAL A 175 27.08 37.69 2.64
N SER A 176 26.91 39.00 2.51
CA SER A 176 27.46 39.92 3.49
C SER A 176 26.45 41.00 3.84
N THR A 177 26.73 41.75 4.90
CA THR A 177 25.92 42.90 5.27
C THR A 177 26.07 43.95 4.16
N ALA A 178 27.25 43.97 3.55
CA ALA A 178 27.51 44.84 2.42
C ALA A 178 26.61 44.51 1.24
N GLU A 179 26.51 43.22 0.92
CA GLU A 179 25.68 42.77 -0.18
C GLU A 179 24.21 43.08 0.09
N GLN A 180 23.79 42.95 1.33
CA GLN A 180 22.41 43.24 1.72
C GLN A 180 22.05 44.71 1.47
N THR A 181 22.98 45.61 1.78
CA THR A 181 22.76 47.04 1.56
C THR A 181 22.88 47.40 0.09
N LYS A 182 23.78 46.72 -0.62
CA LYS A 182 23.95 46.92 -2.04
C LYS A 182 22.67 46.57 -2.80
N LEU A 183 21.87 45.68 -2.22
CA LEU A 183 20.60 45.27 -2.83
C LEU A 183 19.43 46.11 -2.35
N TYR A 184 19.22 46.16 -1.03
CA TYR A 184 18.02 46.78 -0.47
C TYR A 184 18.30 47.94 0.48
N GLY A 185 19.56 48.40 0.52
CA GLY A 185 19.92 49.50 1.41
C GLY A 185 20.22 49.05 2.82
N SER A 186 20.70 49.98 3.64
CA SER A 186 21.10 49.67 5.00
C SER A 186 19.93 49.68 5.98
N GLY A 187 20.22 49.36 7.23
CA GLY A 187 19.20 49.39 8.28
C GLY A 187 18.55 48.04 8.52
N ASN A 188 17.82 47.94 9.63
CA ASN A 188 17.10 46.72 9.97
C ASN A 188 15.97 46.45 8.98
N LYS A 189 16.05 45.30 8.31
CA LYS A 189 15.03 44.92 7.33
C LYS A 189 14.03 43.97 7.96
N LEU A 190 12.74 44.24 7.76
CA LEU A 190 11.68 43.46 8.40
C LEU A 190 10.55 43.08 7.44
N VAL A 191 10.20 41.80 7.43
CA VAL A 191 9.05 41.32 6.67
C VAL A 191 8.00 40.74 7.62
N THR A 192 6.82 41.35 7.65
CA THR A 192 5.74 40.85 8.51
C THR A 192 4.60 40.30 7.66
N VAL A 193 3.99 39.21 8.15
CA VAL A 193 2.95 38.51 7.40
C VAL A 193 1.80 38.08 8.32
N GLY A 194 0.58 38.41 7.92
CA GLY A 194 -0.58 38.02 8.70
C GLY A 194 -1.85 37.84 7.91
N SER A 195 -2.68 36.90 8.36
CA SER A 195 -4.04 36.75 7.83
C SER A 195 -5.02 36.70 9.01
N SER A 196 -6.22 36.18 8.77
CA SER A 196 -7.21 36.05 9.83
C SER A 196 -7.07 34.69 10.51
N ASN A 197 -5.85 34.14 10.47
CA ASN A 197 -5.59 32.80 10.97
C ASN A 197 -4.10 32.61 11.15
N TYR A 198 -3.33 33.52 10.57
CA TYR A 198 -1.87 33.42 10.55
C TYR A 198 -1.24 34.66 11.19
N GLN A 199 -0.05 34.48 11.76
CA GLN A 199 0.58 35.52 12.56
C GLN A 199 2.07 35.25 12.73
N GLN A 200 2.89 35.86 11.88
CA GLN A 200 4.34 35.67 11.94
C GLN A 200 5.14 36.85 11.39
N SER A 201 6.47 36.75 11.49
CA SER A 201 7.36 37.82 11.07
C SER A 201 8.74 37.27 10.68
N PHE A 202 9.47 38.02 9.87
CA PHE A 202 10.75 37.54 9.32
C PHE A 202 11.79 38.64 9.16
N VAL A 203 13.05 38.29 9.40
CA VAL A 203 14.18 39.19 9.27
C VAL A 203 15.28 38.48 8.48
N PRO A 204 15.96 39.21 7.57
CA PRO A 204 17.08 38.58 6.85
C PRO A 204 18.26 38.32 7.77
N SER A 205 19.23 37.55 7.29
CA SER A 205 20.39 37.20 8.09
C SER A 205 21.62 36.99 7.23
N PRO A 206 22.26 38.10 6.81
CA PRO A 206 23.43 38.03 5.93
C PRO A 206 24.64 37.37 6.60
N GLY A 207 25.40 36.61 5.82
CA GLY A 207 26.54 35.88 6.32
C GLY A 207 27.05 34.91 5.28
N ALA A 208 28.26 34.41 5.45
CA ALA A 208 28.84 33.48 4.49
C ALA A 208 28.36 32.05 4.71
N ARG A 209 27.68 31.50 3.71
CA ARG A 209 27.32 30.09 3.69
C ARG A 209 28.24 29.38 2.71
N PRO A 210 28.31 28.04 2.75
CA PRO A 210 29.07 27.36 1.72
C PRO A 210 28.42 27.51 0.34
N GLN A 211 29.20 27.36 -0.72
CA GLN A 211 28.68 27.55 -2.07
C GLN A 211 27.84 26.40 -2.59
N VAL A 212 26.62 26.71 -3.01
CA VAL A 212 25.73 25.75 -3.65
C VAL A 212 25.22 26.37 -4.95
N ASN A 213 25.39 25.64 -6.05
CA ASN A 213 25.11 26.14 -7.40
C ASN A 213 26.00 27.34 -7.75
N GLY A 214 27.10 27.49 -7.01
CA GLY A 214 28.03 28.58 -7.23
C GLY A 214 27.82 29.77 -6.31
N LEU A 215 26.70 29.77 -5.58
CA LEU A 215 26.33 30.90 -4.73
C LEU A 215 26.41 30.60 -3.24
N SER A 216 26.79 31.61 -2.45
CA SER A 216 26.89 31.48 -1.01
C SER A 216 25.71 32.14 -0.29
N GLY A 217 24.76 32.63 -1.06
CA GLY A 217 23.55 33.19 -0.50
C GLY A 217 22.46 32.13 -0.43
N ARG A 218 21.42 32.40 0.36
CA ARG A 218 20.30 31.48 0.46
C ARG A 218 18.98 32.23 0.42
N ILE A 219 17.95 31.58 -0.10
CA ILE A 219 16.59 32.11 -0.05
C ILE A 219 15.69 31.24 0.83
N ASP A 220 15.10 31.85 1.84
CA ASP A 220 14.19 31.17 2.76
C ASP A 220 12.76 31.22 2.25
N PHE A 221 12.22 30.07 1.86
CA PHE A 221 10.84 30.01 1.38
C PHE A 221 9.84 29.69 2.51
N HIS A 222 8.74 30.42 2.52
CA HIS A 222 7.69 30.24 3.52
C HIS A 222 6.33 30.17 2.82
N TRP A 223 5.35 29.56 3.48
CA TRP A 223 4.05 29.38 2.87
C TRP A 223 2.90 29.36 3.87
N LEU A 224 1.70 29.69 3.38
CA LEU A 224 0.48 29.61 4.17
C LEU A 224 -0.74 29.36 3.28
N MET A 225 -1.75 28.71 3.84
CA MET A 225 -3.00 28.48 3.14
C MET A 225 -4.01 29.58 3.45
N LEU A 226 -4.31 30.41 2.44
CA LEU A 226 -5.26 31.51 2.60
C LEU A 226 -6.69 31.04 2.34
N ASN A 227 -7.51 31.06 3.39
CA ASN A 227 -8.92 30.68 3.28
C ASN A 227 -9.71 31.58 2.31
N PRO A 228 -10.80 31.06 1.74
CA PRO A 228 -11.71 31.85 0.90
C PRO A 228 -12.16 33.13 1.58
N ASN A 229 -12.16 34.23 0.83
CA ASN A 229 -12.56 35.55 1.32
C ASN A 229 -11.61 36.19 2.34
N ASP A 230 -10.62 35.43 2.80
CA ASP A 230 -9.65 35.96 3.75
C ASP A 230 -8.50 36.65 3.02
N THR A 231 -7.93 37.67 3.65
CA THR A 231 -6.88 38.47 3.03
C THR A 231 -5.53 38.28 3.73
N VAL A 232 -4.46 38.17 2.94
CA VAL A 232 -3.11 38.13 3.48
C VAL A 232 -2.41 39.46 3.15
N THR A 233 -1.58 39.94 4.08
CA THR A 233 -0.90 41.21 3.89
C THR A 233 0.61 41.08 4.11
N PHE A 234 1.38 41.60 3.15
CA PHE A 234 2.83 41.59 3.25
C PHE A 234 3.38 42.98 3.57
N SER A 235 4.00 43.10 4.74
CA SER A 235 4.67 44.34 5.13
C SER A 235 6.18 44.12 5.07
N PHE A 236 6.87 44.86 4.22
CA PHE A 236 8.28 44.62 3.99
C PHE A 236 9.09 45.86 3.61
N ASN A 237 10.40 45.75 3.74
CA ASN A 237 11.30 46.86 3.46
C ASN A 237 12.61 46.40 2.82
N GLY A 238 12.59 45.22 2.22
CA GLY A 238 13.76 44.67 1.57
C GLY A 238 13.97 43.20 1.86
N ALA A 239 14.94 42.59 1.18
CA ALA A 239 15.27 41.18 1.35
C ALA A 239 14.04 40.27 1.17
N PHE A 240 13.17 40.65 0.24
CA PHE A 240 11.89 39.99 0.10
C PHE A 240 11.65 39.45 -1.31
N ILE A 241 11.38 38.16 -1.41
CA ILE A 241 11.03 37.55 -2.68
C ILE A 241 9.52 37.43 -2.76
N ALA A 242 8.90 38.29 -3.58
CA ALA A 242 7.45 38.39 -3.65
C ALA A 242 6.82 37.32 -4.53
N PRO A 243 5.65 36.81 -4.10
CA PRO A 243 4.87 35.90 -4.95
C PRO A 243 4.22 36.67 -6.09
N ASP A 244 4.23 36.09 -7.28
CA ASP A 244 3.57 36.68 -8.43
C ASP A 244 2.21 36.02 -8.62
N ARG A 245 2.16 34.71 -8.42
CA ARG A 245 0.92 33.95 -8.56
C ARG A 245 0.66 33.08 -7.35
N ALA A 246 -0.61 32.83 -7.06
CA ALA A 246 -1.00 31.93 -5.98
C ALA A 246 -1.37 30.56 -6.55
N SER A 247 -1.44 29.56 -5.69
CA SER A 247 -1.77 28.21 -6.13
C SER A 247 -3.08 27.68 -5.53
N PHE A 248 -3.82 26.92 -6.32
CA PHE A 248 -5.04 26.29 -5.85
C PHE A 248 -5.00 24.81 -6.17
N LEU A 249 -5.49 24.00 -5.25
CA LEU A 249 -5.46 22.55 -5.42
C LEU A 249 -6.57 22.10 -6.37
N ARG A 250 -6.23 21.23 -7.32
CA ARG A 250 -7.18 20.80 -8.34
C ARG A 250 -8.22 19.82 -7.81
N GLY A 251 -7.78 18.84 -7.02
CA GLY A 251 -8.68 17.84 -6.49
C GLY A 251 -8.01 16.79 -5.62
N LYS A 252 -7.86 15.59 -6.16
CA LYS A 252 -7.37 14.46 -5.38
C LYS A 252 -6.33 13.65 -6.15
N SER A 253 -5.32 13.17 -5.44
CA SER A 253 -4.26 12.38 -6.06
C SER A 253 -3.47 11.63 -5.01
N MET A 254 -2.56 10.77 -5.48
CA MET A 254 -1.66 10.04 -4.61
C MET A 254 -0.24 10.32 -5.08
N GLY A 255 0.66 10.60 -4.14
CA GLY A 255 2.04 10.90 -4.48
C GLY A 255 3.00 9.85 -3.95
N ILE A 256 3.94 9.44 -4.79
CA ILE A 256 4.95 8.46 -4.36
C ILE A 256 6.37 8.93 -4.69
N GLN A 257 7.34 8.28 -4.06
CA GLN A 257 8.74 8.48 -4.39
C GLN A 257 9.23 7.15 -4.96
N SER A 258 9.92 7.21 -6.10
CA SER A 258 10.33 5.97 -6.77
C SER A 258 11.52 6.15 -7.69
N GLY A 259 12.19 5.03 -7.98
CA GLY A 259 13.32 5.03 -8.89
C GLY A 259 13.12 4.15 -10.11
N VAL A 260 11.93 3.56 -10.25
CA VAL A 260 11.65 2.68 -11.39
C VAL A 260 10.75 3.36 -12.42
N GLN A 261 10.69 2.74 -13.60
CA GLN A 261 10.01 3.34 -14.75
C GLN A 261 8.49 3.20 -14.68
N VAL A 262 7.81 4.11 -15.36
CA VAL A 262 6.36 4.06 -15.50
C VAL A 262 5.97 2.98 -16.50
N ASP A 263 4.88 2.26 -16.22
CA ASP A 263 4.37 1.25 -17.15
C ASP A 263 2.87 1.35 -17.28
N ALA A 264 2.39 1.71 -18.47
CA ALA A 264 0.97 1.88 -18.71
C ALA A 264 0.33 0.59 -19.19
N ASN A 265 1.06 -0.50 -19.06
CA ASN A 265 0.57 -1.82 -19.45
C ASN A 265 0.04 -2.61 -18.27
N CYS A 266 0.37 -2.16 -17.05
CA CYS A 266 -0.10 -2.84 -15.84
C CYS A 266 -0.81 -1.89 -14.91
N GLU A 267 -1.82 -2.40 -14.20
CA GLU A 267 -2.59 -1.59 -13.25
C GLU A 267 -2.21 -1.94 -11.82
N GLY A 268 -2.09 -0.91 -10.98
CA GLY A 268 -1.75 -1.13 -9.59
C GLY A 268 -2.27 -0.05 -8.67
N ASP A 269 -2.45 -0.39 -7.39
CA ASP A 269 -2.93 0.56 -6.40
C ASP A 269 -2.03 0.58 -5.18
N CYS A 270 -1.09 -0.36 -5.12
CA CYS A 270 -0.12 -0.39 -4.04
C CYS A 270 1.30 -0.14 -4.57
N TYR A 271 1.89 0.97 -4.13
CA TYR A 271 3.18 1.40 -4.65
C TYR A 271 4.25 1.49 -3.58
N HIS A 272 5.50 1.32 -4.01
CA HIS A 272 6.67 1.65 -3.22
C HIS A 272 7.77 2.06 -4.20
N SER A 273 8.90 2.56 -3.68
CA SER A 273 9.93 3.12 -4.55
C SER A 273 10.51 2.11 -5.55
N GLY A 274 10.43 0.83 -5.20
CA GLY A 274 10.96 -0.23 -6.03
C GLY A 274 9.94 -0.84 -6.98
N GLY A 275 8.72 -0.29 -6.98
CA GLY A 275 7.72 -0.74 -7.93
C GLY A 275 6.30 -0.85 -7.40
N THR A 276 5.56 -1.80 -7.97
CA THR A 276 4.14 -1.94 -7.66
C THR A 276 3.85 -3.33 -7.11
N ILE A 277 3.12 -3.38 -6.01
CA ILE A 277 2.73 -4.67 -5.43
C ILE A 277 1.34 -5.03 -5.92
N ILE A 278 1.27 -5.91 -6.92
CA ILE A 278 0.00 -6.40 -7.44
C ILE A 278 -0.33 -7.74 -6.81
N SER A 279 -1.40 -7.77 -6.01
CA SER A 279 -1.71 -8.96 -5.23
C SER A 279 -3.14 -8.97 -4.70
N ASN A 280 -3.66 -10.18 -4.47
CA ASN A 280 -4.95 -10.34 -3.81
C ASN A 280 -4.75 -10.76 -2.37
N LEU A 281 -3.52 -11.18 -2.05
CA LEU A 281 -3.19 -11.70 -0.72
C LEU A 281 -3.35 -10.64 0.37
N PRO A 282 -3.73 -11.07 1.58
CA PRO A 282 -3.98 -10.13 2.68
C PRO A 282 -2.70 -9.52 3.26
N PHE A 283 -1.56 -10.17 3.03
CA PHE A 283 -0.30 -9.69 3.63
C PHE A 283 0.84 -9.57 2.62
N GLN A 284 1.85 -8.78 2.98
CA GLN A 284 3.04 -8.61 2.14
C GLN A 284 4.31 -8.40 2.95
N ASN A 285 5.43 -8.88 2.42
CA ASN A 285 6.72 -8.78 3.08
C ASN A 285 7.72 -8.07 2.17
N ILE A 286 7.20 -7.18 1.32
CA ILE A 286 8.06 -6.49 0.37
C ILE A 286 8.58 -5.16 0.89
N ASP A 287 7.68 -4.31 1.37
CA ASP A 287 8.06 -2.98 1.84
C ASP A 287 7.06 -2.43 2.85
N SER A 288 7.53 -2.14 4.05
CA SER A 288 6.67 -1.67 5.12
C SER A 288 6.15 -0.25 4.90
N ARG A 289 6.78 0.48 3.97
CA ARG A 289 6.38 1.86 3.69
C ARG A 289 5.60 1.99 2.38
N ALA A 290 5.17 0.85 1.83
CA ALA A 290 4.28 0.84 0.67
C ALA A 290 3.03 1.66 0.95
N VAL A 291 2.62 2.45 -0.04
CA VAL A 291 1.45 3.32 0.13
C VAL A 291 0.43 3.04 -0.94
N GLY A 292 -0.76 3.60 -0.75
CA GLY A 292 -1.89 3.33 -1.63
C GLY A 292 -2.86 2.38 -0.93
N LYS A 293 -3.33 1.38 -1.68
CA LYS A 293 -4.20 0.37 -1.10
C LYS A 293 -3.49 -0.97 -1.16
N CYS A 294 -3.01 -1.42 -0.01
CA CYS A 294 -2.05 -2.51 0.06
C CYS A 294 -2.46 -3.63 1.01
N PRO A 295 -1.89 -4.82 0.81
CA PRO A 295 -1.98 -5.86 1.85
C PRO A 295 -1.23 -5.34 3.07
N ARG A 296 -1.54 -5.86 4.26
CA ARG A 296 -0.84 -5.42 5.46
C ARG A 296 0.61 -5.90 5.37
N TYR A 297 1.54 -5.06 5.80
CA TYR A 297 2.92 -5.49 5.89
C TYR A 297 3.10 -6.40 7.10
N VAL A 298 3.68 -7.56 6.88
CA VAL A 298 4.07 -8.45 7.96
C VAL A 298 5.56 -8.77 7.83
N LYS A 299 6.19 -9.13 8.94
CA LYS A 299 7.63 -9.40 8.94
C LYS A 299 8.00 -10.81 8.50
N GLN A 300 7.02 -11.73 8.49
CA GLN A 300 7.26 -13.09 8.03
C GLN A 300 7.39 -13.17 6.51
N ARG A 301 8.30 -14.02 6.07
CA ARG A 301 8.52 -14.23 4.64
C ARG A 301 7.38 -15.06 4.03
N SER A 302 6.84 -15.98 4.81
CA SER A 302 5.86 -16.95 4.30
C SER A 302 4.93 -17.52 5.36
N LEU A 303 3.67 -17.71 5.00
CA LEU A 303 2.67 -18.26 5.90
C LEU A 303 1.66 -19.09 5.10
N LEU A 304 1.83 -20.41 5.11
CA LEU A 304 1.02 -21.27 4.24
C LEU A 304 -0.35 -21.62 4.81
N LEU A 305 -1.38 -21.43 4.01
CA LEU A 305 -2.75 -21.71 4.40
C LEU A 305 -3.22 -23.04 3.85
N ALA A 306 -3.63 -23.95 4.72
CA ALA A 306 -4.09 -25.26 4.30
C ALA A 306 -5.34 -25.17 3.45
N THR A 307 -5.28 -25.76 2.26
CA THR A 307 -6.44 -25.85 1.38
C THR A 307 -6.79 -27.32 1.15
N GLY A 308 -6.39 -28.17 2.08
CA GLY A 308 -6.63 -29.59 2.00
C GLY A 308 -6.48 -30.26 3.34
N MET A 309 -6.89 -31.52 3.41
CA MET A 309 -6.83 -32.30 4.64
C MET A 309 -5.40 -32.67 5.00
N LYS A 310 -5.22 -33.25 6.18
CA LYS A 310 -3.92 -33.79 6.58
C LYS A 310 -3.53 -34.90 5.62
N ASN A 311 -2.31 -34.83 5.12
CA ASN A 311 -1.82 -35.84 4.19
C ASN A 311 -1.19 -37.03 4.92
N VAL A 312 -1.86 -38.17 4.87
CA VAL A 312 -1.39 -39.38 5.54
C VAL A 312 -1.14 -40.49 4.51
N PRO A 313 0.14 -40.68 4.13
CA PRO A 313 0.52 -41.70 3.16
C PRO A 313 0.61 -43.10 3.77
N GLU A 314 0.76 -44.10 2.92
CA GLU A 314 0.90 -45.49 3.34
C GLU A 314 1.98 -45.69 4.41
N GLY B 4 -11.73 -36.47 15.11
CA GLY B 4 -12.59 -37.64 15.17
C GLY B 4 -11.95 -38.88 14.59
N ALA B 5 -12.13 -39.07 13.28
CA ALA B 5 -11.63 -40.26 12.60
C ALA B 5 -10.22 -40.06 12.06
N ILE B 6 -10.13 -39.84 10.74
CA ILE B 6 -8.87 -39.52 10.03
C ILE B 6 -7.69 -40.40 10.46
N ALA B 7 -6.48 -39.85 10.47
CA ALA B 7 -5.31 -40.54 11.01
C ALA B 7 -5.55 -41.00 12.44
N GLY B 8 -6.41 -42.01 12.58
CA GLY B 8 -6.76 -42.56 13.88
C GLY B 8 -7.05 -44.04 13.73
N PHE B 9 -8.28 -44.38 13.38
CA PHE B 9 -8.61 -45.76 13.06
C PHE B 9 -8.51 -46.02 11.55
N ILE B 10 -8.20 -44.97 10.80
CA ILE B 10 -7.83 -45.12 9.40
C ILE B 10 -6.35 -44.80 9.27
N GLU B 11 -5.52 -45.83 9.29
CA GLU B 11 -4.07 -45.67 9.41
C GLU B 11 -3.40 -44.87 8.30
N ASN B 12 -4.02 -44.83 7.13
CA ASN B 12 -3.48 -44.03 6.02
C ASN B 12 -4.52 -43.68 4.95
N GLY B 13 -4.08 -42.91 3.96
CA GLY B 13 -4.95 -42.48 2.88
C GLY B 13 -4.61 -43.15 1.57
N TRP B 14 -5.47 -42.98 0.58
CA TRP B 14 -5.32 -43.64 -0.71
C TRP B 14 -4.76 -42.70 -1.77
N GLU B 15 -3.52 -42.94 -2.17
CA GLU B 15 -2.89 -42.14 -3.21
C GLU B 15 -3.46 -42.48 -4.59
N GLY B 16 -4.24 -43.55 -4.64
CA GLY B 16 -4.88 -43.97 -5.88
C GLY B 16 -6.17 -43.22 -6.15
N LEU B 17 -6.84 -42.80 -5.08
CA LEU B 17 -8.08 -42.04 -5.20
C LEU B 17 -7.79 -40.63 -5.72
N ILE B 18 -7.95 -40.46 -7.03
CA ILE B 18 -7.65 -39.19 -7.68
C ILE B 18 -8.91 -38.54 -8.24
N ASP B 19 -10.06 -39.14 -7.95
CA ASP B 19 -11.33 -38.65 -8.49
C ASP B 19 -12.06 -37.78 -7.48
N GLY B 20 -11.61 -37.81 -6.23
CA GLY B 20 -12.24 -37.03 -5.18
C GLY B 20 -11.49 -37.08 -3.86
N TRP B 21 -12.03 -36.42 -2.85
CA TRP B 21 -11.41 -36.40 -1.53
C TRP B 21 -11.76 -37.65 -0.75
N TYR B 22 -13.02 -38.05 -0.80
CA TYR B 22 -13.50 -39.24 -0.10
C TYR B 22 -14.12 -40.24 -1.05
N GLY B 23 -13.86 -41.52 -0.83
CA GLY B 23 -14.38 -42.56 -1.70
C GLY B 23 -14.50 -43.92 -1.05
N PHE B 24 -15.20 -44.82 -1.73
CA PHE B 24 -15.40 -46.19 -1.24
C PHE B 24 -14.46 -47.15 -1.94
N ARG B 25 -13.92 -48.11 -1.19
CA ARG B 25 -13.12 -49.18 -1.79
C ARG B 25 -13.65 -50.53 -1.31
N HIS B 26 -14.23 -51.29 -2.22
CA HIS B 26 -14.90 -52.54 -1.87
C HIS B 26 -14.19 -53.77 -2.42
N GLN B 27 -14.54 -54.93 -1.88
CA GLN B 27 -14.08 -56.21 -2.40
C GLN B 27 -15.18 -57.25 -2.24
N ASN B 28 -15.47 -57.96 -3.32
CA ASN B 28 -16.50 -59.00 -3.32
C ASN B 28 -16.19 -60.11 -4.31
N ALA B 29 -17.24 -60.76 -4.81
CA ALA B 29 -17.08 -61.85 -5.76
C ALA B 29 -16.61 -61.36 -7.12
N GLN B 30 -17.14 -60.21 -7.55
CA GLN B 30 -16.85 -59.68 -8.87
C GLN B 30 -15.49 -58.97 -8.95
N GLY B 31 -14.81 -58.87 -7.82
CA GLY B 31 -13.48 -58.30 -7.79
C GLY B 31 -13.33 -57.11 -6.85
N GLU B 32 -12.43 -56.20 -7.21
CA GLU B 32 -12.15 -55.02 -6.39
C GLU B 32 -12.41 -53.75 -7.19
N GLY B 33 -12.92 -52.72 -6.51
CA GLY B 33 -13.19 -51.44 -7.15
C GLY B 33 -13.06 -50.27 -6.21
N THR B 34 -12.93 -49.07 -6.77
CA THR B 34 -12.79 -47.86 -5.98
C THR B 34 -13.50 -46.68 -6.65
N ALA B 35 -14.35 -45.99 -5.89
CA ALA B 35 -15.06 -44.83 -6.41
C ALA B 35 -14.82 -43.59 -5.56
N ALA B 36 -15.67 -42.58 -5.73
CA ALA B 36 -15.54 -41.34 -4.99
C ALA B 36 -16.91 -40.75 -4.66
N ASP B 37 -17.05 -40.21 -3.46
CA ASP B 37 -18.31 -39.59 -3.03
C ASP B 37 -18.31 -38.10 -3.32
N TYR B 38 -19.14 -37.68 -4.26
CA TYR B 38 -19.19 -36.29 -4.70
C TYR B 38 -19.70 -35.34 -3.62
N LYS B 39 -20.78 -35.73 -2.96
CA LYS B 39 -21.43 -34.86 -1.98
C LYS B 39 -20.60 -34.62 -0.72
N SER B 40 -19.75 -35.58 -0.36
CA SER B 40 -18.85 -35.39 0.77
C SER B 40 -17.66 -34.55 0.36
N THR B 41 -17.12 -34.85 -0.82
CA THR B 41 -15.99 -34.12 -1.38
C THR B 41 -16.35 -32.66 -1.63
N GLN B 42 -17.51 -32.43 -2.24
CA GLN B 42 -17.94 -31.09 -2.59
C GLN B 42 -18.23 -30.22 -1.36
N SER B 43 -18.74 -30.85 -0.31
CA SER B 43 -19.05 -30.14 0.92
C SER B 43 -17.79 -29.64 1.60
N ALA B 44 -16.76 -30.49 1.62
CA ALA B 44 -15.47 -30.11 2.19
C ALA B 44 -14.80 -29.05 1.33
N ILE B 45 -14.88 -29.22 0.01
CA ILE B 45 -14.27 -28.28 -0.92
C ILE B 45 -14.92 -26.90 -0.85
N ASP B 46 -16.24 -26.86 -0.84
CA ASP B 46 -16.98 -25.60 -0.79
C ASP B 46 -16.70 -24.82 0.50
N GLN B 47 -16.36 -25.54 1.57
CA GLN B 47 -16.06 -24.90 2.84
C GLN B 47 -14.65 -24.30 2.87
N ILE B 48 -13.69 -25.02 2.30
CA ILE B 48 -12.33 -24.51 2.16
C ILE B 48 -12.36 -23.30 1.25
N THR B 49 -13.12 -23.40 0.16
CA THR B 49 -13.28 -22.29 -0.78
C THR B 49 -13.83 -21.05 -0.07
N GLY B 50 -14.78 -21.28 0.83
CA GLY B 50 -15.36 -20.19 1.60
C GLY B 50 -14.36 -19.45 2.46
N LYS B 51 -13.34 -20.16 2.93
CA LYS B 51 -12.27 -19.56 3.71
C LYS B 51 -11.39 -18.66 2.85
N LEU B 52 -11.05 -19.14 1.65
CA LEU B 52 -10.17 -18.41 0.75
C LEU B 52 -10.80 -17.09 0.29
N ASN B 53 -12.07 -17.15 -0.09
CA ASN B 53 -12.77 -15.96 -0.54
C ASN B 53 -12.82 -14.88 0.54
N ARG B 54 -12.84 -15.31 1.79
CA ARG B 54 -12.93 -14.39 2.92
C ARG B 54 -11.57 -13.85 3.32
N LEU B 55 -10.52 -14.62 3.06
CA LEU B 55 -9.16 -14.22 3.42
C LEU B 55 -8.46 -13.46 2.30
N ILE B 56 -8.61 -13.93 1.07
CA ILE B 56 -8.21 -13.14 -0.08
C ILE B 56 -9.17 -11.95 -0.10
N GLU B 57 -8.72 -10.83 0.48
CA GLU B 57 -9.60 -9.69 0.71
C GLU B 57 -8.93 -8.38 0.34
N LYS B 58 -9.74 -7.43 -0.11
CA LYS B 58 -9.23 -6.13 -0.54
C LYS B 58 -9.66 -5.01 0.40
N THR B 59 -8.68 -4.22 0.84
CA THR B 59 -8.94 -3.04 1.63
C THR B 59 -9.19 -1.87 0.70
N ASN B 60 -10.14 -1.00 1.05
CA ASN B 60 -10.35 0.22 0.29
C ASN B 60 -9.79 1.43 1.05
N GLN B 61 -9.05 1.13 2.11
CA GLN B 61 -8.42 2.17 2.91
C GLN B 61 -7.07 2.57 2.30
N GLN B 62 -6.98 3.81 1.86
CA GLN B 62 -5.75 4.32 1.28
C GLN B 62 -4.86 4.90 2.36
N PHE B 63 -3.57 4.57 2.30
CA PHE B 63 -2.57 5.23 3.13
C PHE B 63 -1.58 5.97 2.22
N GLU B 64 -1.06 7.09 2.69
CA GLU B 64 -0.07 7.84 1.95
C GLU B 64 1.20 8.02 2.78
N LEU B 65 2.22 8.62 2.17
CA LEU B 65 3.48 8.87 2.85
C LEU B 65 3.32 9.83 4.03
N ILE B 66 3.94 9.49 5.15
CA ILE B 66 4.21 10.46 6.20
C ILE B 66 5.72 10.52 6.41
N ASP B 67 6.44 9.85 5.52
CA ASP B 67 7.88 9.68 5.59
C ASP B 67 8.53 10.11 4.28
N ASN B 68 9.83 10.33 4.31
CA ASN B 68 10.58 10.77 3.14
C ASN B 68 11.93 10.07 3.04
N GLU B 69 12.14 9.31 1.97
CA GLU B 69 13.35 8.50 1.83
C GLU B 69 14.39 9.17 0.92
N PHE B 70 14.07 10.35 0.42
CA PHE B 70 15.04 11.13 -0.33
C PHE B 70 15.61 12.17 0.62
N ASN B 71 14.75 12.79 1.41
CA ASN B 71 15.17 13.76 2.40
C ASN B 71 14.51 13.51 3.75
N GLU B 72 15.29 12.99 4.68
CA GLU B 72 14.78 12.58 5.98
C GLU B 72 14.02 13.69 6.72
N VAL B 73 12.90 13.32 7.33
CA VAL B 73 12.14 14.24 8.16
C VAL B 73 12.91 14.45 9.47
N GLU B 74 12.49 15.44 10.26
CA GLU B 74 13.14 15.73 11.53
C GLU B 74 13.15 14.49 12.43
N LYS B 75 14.23 14.32 13.17
CA LYS B 75 14.46 13.10 13.95
C LYS B 75 13.35 12.75 14.94
N GLN B 76 12.91 13.73 15.74
CA GLN B 76 11.91 13.45 16.75
C GLN B 76 10.61 12.91 16.16
N ILE B 77 10.05 13.60 15.17
CA ILE B 77 8.85 13.12 14.51
C ILE B 77 9.17 11.84 13.72
N GLY B 78 10.40 11.76 13.21
CA GLY B 78 10.84 10.57 12.49
C GLY B 78 10.81 9.36 13.39
N ASN B 79 11.31 9.51 14.61
CA ASN B 79 11.33 8.42 15.58
C ASN B 79 9.94 7.98 16.05
N VAL B 80 9.02 8.93 16.21
CA VAL B 80 7.65 8.59 16.57
C VAL B 80 6.99 7.80 15.45
N ILE B 81 7.23 8.22 14.21
CA ILE B 81 6.68 7.52 13.05
C ILE B 81 7.16 6.07 12.96
N ASN B 82 8.48 5.88 13.04
CA ASN B 82 9.05 4.54 12.99
C ASN B 82 8.55 3.67 14.14
N TRP B 83 8.52 4.25 15.34
CA TRP B 83 8.01 3.59 16.53
C TRP B 83 6.58 3.11 16.32
N THR B 84 5.77 3.96 15.71
CA THR B 84 4.38 3.62 15.42
C THR B 84 4.30 2.53 14.35
N ARG B 85 4.96 2.75 13.21
CA ARG B 85 4.97 1.79 12.11
C ARG B 85 5.39 0.39 12.58
N ASP B 86 6.48 0.34 13.36
CA ASP B 86 6.96 -0.93 13.92
C ASP B 86 5.93 -1.60 14.85
N SER B 87 5.28 -0.80 15.68
CA SER B 87 4.22 -1.32 16.55
C SER B 87 3.08 -1.96 15.75
N ILE B 88 2.65 -1.29 14.69
CA ILE B 88 1.61 -1.81 13.82
C ILE B 88 2.09 -3.06 13.08
N THR B 89 3.35 -3.08 12.69
CA THR B 89 3.95 -4.25 12.07
C THR B 89 3.88 -5.47 13.00
N GLU B 90 4.23 -5.27 14.26
CA GLU B 90 4.15 -6.33 15.26
C GLU B 90 2.74 -6.88 15.40
N VAL B 91 1.76 -5.99 15.40
CA VAL B 91 0.36 -6.37 15.49
C VAL B 91 -0.09 -7.23 14.29
N TRP B 92 0.25 -6.78 13.09
CA TRP B 92 -0.18 -7.50 11.89
C TRP B 92 0.57 -8.81 11.69
N SER B 93 1.87 -8.82 12.02
CA SER B 93 2.65 -10.06 12.00
C SER B 93 2.03 -11.07 12.95
N TYR B 94 1.60 -10.59 14.11
CA TYR B 94 0.92 -11.43 15.09
C TYR B 94 -0.41 -11.94 14.54
N ASN B 95 -1.26 -11.00 14.10
CA ASN B 95 -2.57 -11.34 13.55
C ASN B 95 -2.46 -12.38 12.45
N ALA B 96 -1.51 -12.16 11.54
CA ALA B 96 -1.30 -13.05 10.40
C ALA B 96 -0.94 -14.47 10.85
N GLU B 97 0.03 -14.58 11.76
CA GLU B 97 0.48 -15.87 12.23
C GLU B 97 -0.62 -16.63 12.96
N LEU B 98 -1.38 -15.92 13.78
CA LEU B 98 -2.47 -16.53 14.53
C LEU B 98 -3.61 -16.95 13.61
N LEU B 99 -3.97 -16.06 12.68
CA LEU B 99 -5.04 -16.33 11.73
C LEU B 99 -4.81 -17.65 10.99
N VAL B 100 -3.64 -17.77 10.36
CA VAL B 100 -3.31 -18.95 9.58
C VAL B 100 -3.28 -20.22 10.43
N ALA B 101 -2.65 -20.13 11.60
CA ALA B 101 -2.58 -21.27 12.50
C ALA B 101 -3.97 -21.69 12.98
N MET B 102 -4.80 -20.71 13.30
CA MET B 102 -6.17 -20.98 13.71
C MET B 102 -6.96 -21.59 12.56
N GLU B 103 -6.82 -21.00 11.38
CA GLU B 103 -7.54 -21.47 10.20
C GLU B 103 -7.10 -22.87 9.77
N ASN B 104 -5.82 -23.17 9.94
CA ASN B 104 -5.29 -24.48 9.56
C ASN B 104 -5.78 -25.57 10.49
N GLN B 105 -5.85 -25.25 11.78
CA GLN B 105 -6.37 -26.17 12.77
C GLN B 105 -7.81 -26.54 12.44
N HIS B 106 -8.59 -25.54 12.06
CA HIS B 106 -10.00 -25.77 11.75
C HIS B 106 -10.19 -26.48 10.41
N THR B 107 -9.34 -26.17 9.45
CA THR B 107 -9.41 -26.81 8.13
C THR B 107 -9.18 -28.32 8.26
N ILE B 108 -8.16 -28.68 9.05
CA ILE B 108 -7.83 -30.07 9.28
C ILE B 108 -8.97 -30.81 9.99
N ASP B 109 -9.49 -30.21 11.05
CA ASP B 109 -10.55 -30.81 11.85
C ASP B 109 -11.84 -30.92 11.03
N LEU B 110 -12.04 -29.96 10.13
CA LEU B 110 -13.22 -29.94 9.27
C LEU B 110 -13.19 -31.09 8.26
N ALA B 111 -12.00 -31.35 7.73
CA ALA B 111 -11.82 -32.43 6.76
C ALA B 111 -11.92 -33.78 7.44
N ASP B 112 -11.48 -33.83 8.70
CA ASP B 112 -11.61 -35.02 9.52
C ASP B 112 -13.08 -35.25 9.85
N SER B 113 -13.79 -34.16 10.11
CA SER B 113 -15.21 -34.22 10.46
C SER B 113 -16.05 -34.78 9.31
N GLU B 114 -15.82 -34.26 8.11
CA GLU B 114 -16.60 -34.67 6.94
C GLU B 114 -16.43 -36.14 6.63
N MET B 115 -15.28 -36.70 6.98
CA MET B 115 -15.03 -38.13 6.82
C MET B 115 -15.87 -38.92 7.82
N ASP B 116 -15.85 -38.47 9.07
CA ASP B 116 -16.59 -39.14 10.13
C ASP B 116 -18.09 -39.07 9.87
N LYS B 117 -18.54 -37.94 9.32
CA LYS B 117 -19.95 -37.76 8.98
C LYS B 117 -20.37 -38.72 7.87
N LEU B 118 -19.46 -38.97 6.94
CA LEU B 118 -19.72 -39.90 5.84
C LEU B 118 -19.74 -41.35 6.34
N TYR B 119 -18.76 -41.68 7.16
CA TYR B 119 -18.62 -43.03 7.71
C TYR B 119 -19.86 -43.43 8.50
N GLU B 120 -20.18 -42.68 9.54
CA GLU B 120 -21.29 -43.01 10.41
C GLU B 120 -22.65 -42.96 9.70
N ARG B 121 -22.67 -42.37 8.51
CA ARG B 121 -23.90 -42.33 7.72
C ARG B 121 -24.07 -43.63 6.95
N VAL B 122 -22.96 -44.23 6.53
CA VAL B 122 -23.01 -45.54 5.89
C VAL B 122 -23.35 -46.60 6.93
N LYS B 123 -22.77 -46.47 8.12
CA LYS B 123 -23.03 -47.41 9.20
C LYS B 123 -24.51 -47.44 9.55
N ARG B 124 -25.17 -46.31 9.39
CA ARG B 124 -26.59 -46.21 9.67
C ARG B 124 -27.42 -46.44 8.41
N GLN B 125 -26.76 -46.38 7.25
CA GLN B 125 -27.42 -46.62 5.97
C GLN B 125 -27.85 -48.09 5.88
N LEU B 126 -27.09 -48.95 6.55
CA LEU B 126 -27.47 -50.35 6.70
C LEU B 126 -28.06 -50.55 8.10
N ARG B 127 -27.83 -51.72 8.68
CA ARG B 127 -28.34 -52.03 10.01
C ARG B 127 -27.45 -53.04 10.71
N GLU B 128 -28.05 -54.14 11.15
CA GLU B 128 -27.32 -55.26 11.69
C GLU B 128 -26.88 -56.16 10.54
N ASN B 129 -27.10 -55.69 9.32
CA ASN B 129 -26.68 -56.39 8.12
C ASN B 129 -25.17 -56.31 7.91
N ALA B 130 -24.52 -55.54 8.78
CA ALA B 130 -23.07 -55.38 8.75
C ALA B 130 -22.55 -54.98 10.12
N GLU B 131 -21.27 -55.21 10.35
CA GLU B 131 -20.64 -54.83 11.61
C GLU B 131 -19.34 -54.07 11.37
N GLU B 132 -18.97 -53.21 12.31
CA GLU B 132 -17.77 -52.40 12.18
C GLU B 132 -16.49 -53.22 12.37
N ASP B 133 -15.68 -53.29 11.33
CA ASP B 133 -14.40 -53.98 11.40
C ASP B 133 -13.45 -53.28 12.37
N GLY B 134 -13.54 -51.95 12.41
CA GLY B 134 -12.73 -51.16 13.31
C GLY B 134 -11.80 -50.19 12.61
N THR B 135 -11.37 -50.54 11.41
CA THR B 135 -10.43 -49.71 10.67
C THR B 135 -11.09 -48.94 9.52
N GLY B 136 -12.38 -48.65 9.67
CA GLY B 136 -13.11 -47.90 8.67
C GLY B 136 -13.72 -48.80 7.61
N CYS B 137 -13.69 -50.11 7.88
CA CYS B 137 -14.25 -51.07 6.95
C CYS B 137 -15.55 -51.67 7.50
N PHE B 138 -16.45 -52.03 6.59
CA PHE B 138 -17.71 -52.67 6.99
C PHE B 138 -17.80 -54.08 6.44
N GLU B 139 -17.72 -55.06 7.34
CA GLU B 139 -17.86 -56.46 6.96
C GLU B 139 -19.32 -56.80 6.67
N ILE B 140 -19.57 -57.31 5.48
CA ILE B 140 -20.92 -57.70 5.08
C ILE B 140 -21.21 -59.17 5.41
N PHE B 141 -22.39 -59.42 5.98
CA PHE B 141 -22.81 -60.77 6.28
C PHE B 141 -23.90 -61.25 5.33
N HIS B 142 -23.93 -60.67 4.13
CA HIS B 142 -24.86 -61.14 3.09
C HIS B 142 -24.27 -60.99 1.69
N LYS B 143 -22.94 -60.80 1.64
CA LYS B 143 -22.18 -60.81 0.39
C LYS B 143 -22.77 -59.90 -0.69
N CYS B 144 -22.45 -58.62 -0.62
CA CYS B 144 -23.02 -57.63 -1.53
C CYS B 144 -22.27 -57.61 -2.86
N ASP B 145 -23.01 -57.47 -3.96
CA ASP B 145 -22.42 -57.46 -5.29
C ASP B 145 -22.33 -56.05 -5.86
N ASP B 146 -21.74 -55.93 -7.05
CA ASP B 146 -21.44 -54.65 -7.66
C ASP B 146 -22.66 -53.76 -7.93
N ASP B 147 -23.85 -54.35 -7.92
CA ASP B 147 -25.07 -53.58 -8.05
C ASP B 147 -25.53 -53.15 -6.66
N CYS B 148 -25.34 -54.03 -5.70
CA CYS B 148 -25.70 -53.76 -4.30
C CYS B 148 -24.75 -52.72 -3.72
N MET B 149 -23.51 -52.70 -4.23
CA MET B 149 -22.53 -51.73 -3.78
C MET B 149 -22.89 -50.33 -4.27
N ALA B 150 -23.36 -50.26 -5.51
CA ALA B 150 -23.80 -48.99 -6.09
C ALA B 150 -25.00 -48.46 -5.31
N SER B 151 -25.82 -49.36 -4.78
CA SER B 151 -26.97 -48.99 -3.97
C SER B 151 -26.51 -48.30 -2.69
N ILE B 152 -25.36 -48.74 -2.18
CA ILE B 152 -24.78 -48.12 -1.00
C ILE B 152 -24.20 -46.75 -1.34
N ARG B 153 -23.46 -46.69 -2.45
CA ARG B 153 -22.80 -45.46 -2.87
C ARG B 153 -23.76 -44.32 -3.18
N ASN B 154 -24.78 -44.58 -4.00
CA ASN B 154 -25.75 -43.55 -4.33
C ASN B 154 -26.90 -43.49 -3.32
N ASN B 155 -26.69 -44.11 -2.17
CA ASN B 155 -27.62 -44.05 -1.05
C ASN B 155 -29.01 -44.58 -1.37
N THR B 156 -29.11 -45.88 -1.64
CA THR B 156 -30.39 -46.53 -1.90
C THR B 156 -30.45 -47.93 -1.29
N TYR B 157 -29.37 -48.35 -0.65
CA TYR B 157 -29.31 -49.67 -0.01
C TYR B 157 -30.43 -49.83 1.00
N ASP B 158 -31.17 -50.94 0.89
CA ASP B 158 -32.28 -51.17 1.80
C ASP B 158 -31.84 -51.89 3.07
N HIS B 159 -32.14 -51.27 4.21
CA HIS B 159 -31.74 -51.78 5.51
C HIS B 159 -32.76 -52.78 6.06
N SER B 160 -33.30 -53.61 5.17
CA SER B 160 -34.29 -54.61 5.55
C SER B 160 -34.42 -55.72 4.51
N LYS B 161 -34.16 -55.39 3.25
CA LYS B 161 -34.30 -56.35 2.17
C LYS B 161 -33.01 -57.13 1.93
N TYR B 162 -32.26 -57.34 3.01
CA TYR B 162 -31.07 -58.19 3.03
C TYR B 162 -30.91 -58.61 4.47
N ARG B 163 -31.72 -58.01 5.33
CA ARG B 163 -31.67 -58.22 6.78
C ARG B 163 -31.82 -59.70 7.12
N GLU B 164 -32.99 -60.25 6.77
CA GLU B 164 -33.32 -61.67 6.98
C GLU B 164 -32.14 -62.60 6.77
N GLU B 165 -31.50 -62.46 5.61
CA GLU B 165 -30.33 -63.26 5.27
C GLU B 165 -29.15 -62.96 6.18
N ALA B 166 -28.82 -61.68 6.33
CA ALA B 166 -27.64 -61.26 7.07
C ALA B 166 -27.72 -61.54 8.57
N MET B 167 -28.93 -61.52 9.11
CA MET B 167 -29.15 -61.79 10.53
C MET B 167 -28.62 -63.16 10.93
N GLN B 168 -28.85 -64.15 10.07
CA GLN B 168 -28.42 -65.52 10.32
C GLN B 168 -26.92 -65.63 10.51
N ASN B 169 -26.17 -64.87 9.71
CA ASN B 169 -24.72 -64.93 9.72
C ASN B 169 -24.10 -64.03 10.79
C1 GAL C . 37.66 34.05 -2.74
C2 GAL C . 36.24 33.71 -3.18
C3 GAL C . 35.24 34.78 -2.73
C4 GAL C . 35.48 35.16 -1.27
C5 GAL C . 36.95 35.44 -1.01
C6 GAL C . 37.21 35.81 0.44
O1 GAL C . 38.52 32.97 -3.05
O2 GAL C . 36.22 33.60 -4.59
O3 GAL C . 33.91 34.32 -2.88
O4 GAL C . 35.05 34.12 -0.43
O5 GAL C . 37.70 34.31 -1.36
O6 GAL C . 38.59 35.98 0.65
C1 NAG C . 33.29 34.90 -4.05
C2 NAG C . 32.86 33.80 -5.02
C3 NAG C . 31.86 34.26 -6.09
C4 NAG C . 30.90 35.37 -5.66
C5 NAG C . 31.61 36.38 -4.76
C6 NAG C . 30.63 37.41 -4.23
C7 NAG C . 34.09 31.90 -5.89
C8 NAG C . 34.13 31.44 -7.31
N2 NAG C . 34.00 33.21 -5.69
O3 NAG C . 31.12 33.12 -6.50
O4 NAG C . 30.39 36.05 -6.78
O5 NAG C . 32.21 35.73 -3.68
O6 NAG C . 31.23 38.11 -3.16
O7 NAG C . 34.13 31.08 -4.96
C1 GAL C . 29.22 35.41 -7.33
C2 GAL C . 28.21 36.49 -7.74
C3 GAL C . 27.10 35.99 -8.67
C4 GAL C . 27.57 34.94 -9.66
C5 GAL C . 28.43 33.91 -8.95
C6 GAL C . 28.86 32.78 -9.88
O2 GAL C . 27.60 36.98 -6.58
O3 GAL C . 26.53 37.08 -9.38
O4 GAL C . 28.31 35.54 -10.71
O5 GAL C . 29.55 34.58 -8.43
O6 GAL C . 29.31 31.69 -9.10
C1 SIA C . 24.27 36.10 -9.61
C2 SIA C . 25.17 37.10 -8.98
C3 SIA C . 24.85 38.17 -10.04
C4 SIA C . 23.46 38.70 -10.08
C5 SIA C . 23.00 39.26 -8.85
C6 SIA C . 23.34 38.24 -7.80
C7 SIA C . 23.03 38.63 -6.40
C8 SIA C . 23.40 37.45 -5.49
C9 SIA C . 22.78 37.62 -4.14
C10 SIA C . 20.90 40.60 -8.14
C11 SIA C . 19.39 40.86 -8.30
N5 SIA C . 21.55 39.57 -8.96
O1A SIA C . 24.35 35.86 -10.83
O1B SIA C . 23.46 35.42 -8.92
O4 SIA C . 23.29 39.66 -11.16
O6 SIA C . 24.78 37.94 -7.92
O7 SIA C . 23.69 39.80 -5.98
O8 SIA C . 23.03 36.25 -6.10
O9 SIA C . 23.46 37.08 -3.07
O10 SIA C . 21.52 41.25 -7.30
C1 NAG D . -3.94 -26.25 -4.22
C2 NAG D . -4.93 -26.74 -5.28
C3 NAG D . -5.22 -25.64 -6.29
C4 NAG D . -5.76 -24.43 -5.54
C5 NAG D . -4.83 -24.00 -4.41
C6 NAG D . -5.53 -22.97 -3.53
C7 NAG D . -5.18 -29.01 -6.07
C8 NAG D . -4.46 -30.32 -6.11
N2 NAG D . -4.42 -27.92 -5.96
O3 NAG D . -6.18 -26.08 -7.22
O4 NAG D . -5.93 -23.36 -6.45
O5 NAG D . -4.43 -25.08 -3.57
O6 NAG D . -6.32 -22.13 -4.33
O7 NAG D . -6.40 -28.96 -6.15
C1 NAG E . -17.15 35.88 -0.02
C2 NAG E . -18.22 34.87 0.39
C3 NAG E . -19.24 34.71 -0.73
C4 NAG E . -19.81 36.07 -1.09
C5 NAG E . -18.72 37.09 -1.36
C6 NAG E . -19.31 38.49 -1.52
C7 NAG E . -17.66 33.17 2.00
C8 NAG E . -17.90 31.70 2.21
N2 NAG E . -17.63 33.60 0.75
O3 NAG E . -20.26 33.84 -0.32
O4 NAG E . -20.64 35.94 -2.23
O5 NAG E . -17.76 37.12 -0.33
O6 NAG E . -20.27 38.49 -2.55
O7 NAG E . -17.52 33.93 2.97
C1 NAG F . 12.78 4.80 10.06
C2 NAG F . 14.23 5.23 10.26
C3 NAG F . 15.08 4.93 9.04
C4 NAG F . 14.84 3.50 8.54
C5 NAG F . 13.36 3.26 8.36
C6 NAG F . 13.09 1.85 7.87
C7 NAG F . 15.14 7.10 11.51
C8 NAG F . 14.71 8.34 12.25
N2 NAG F . 14.31 6.64 10.57
O3 NAG F . 16.45 5.08 9.36
O4 NAG F . 15.51 3.32 7.30
O5 NAG F . 12.68 3.48 9.59
O6 NAG F . 11.70 1.68 7.66
O7 NAG F . 16.21 6.56 11.78
#